data_1H8A
#
_entry.id   1H8A
#
_cell.length_a   109.860
_cell.length_b   166.700
_cell.length_c   39.600
_cell.angle_alpha   90.00
_cell.angle_beta   90.00
_cell.angle_gamma   90.00
#
_symmetry.space_group_name_H-M   'P 21 21 2'
#
loop_
_entity.id
_entity.type
_entity.pdbx_description
1 polymer 'CAAT/ENHANCER BINDING PROTEIN BETA'
2 polymer 'MYB TRANSFORMING PROTEIN'
3 polymer "DNA(5'-(*GP*AP*TP*GP*TP*GP*GP*CP*GP*CP*AP* AP*TP*CP*CP*TP*TP*AP*AP*CP*GP*GP*AP*CP*TP*G)-3')"
4 polymer "DNA(5'-(*CP*CP*AP*GP*TP*CP*CP*GP*TP*TP*AP* AP*GP*GP*AP*TP*TP*GP*CP*GP*CP*CP*AP*CP*AP*T)-3')"
5 water water
#
loop_
_entity_poly.entity_id
_entity_poly.type
_entity_poly.pdbx_seq_one_letter_code
_entity_poly.pdbx_strand_id
1 'polypeptide(L)' VKSKAKKTVDKHSDEYKIRRERNNIAVRKSRDKAKMRNLETQHKVLELTAENERLQKKVEQLSRELSTLRNLFKQLPE A,B
2 'polypeptide(L)'
;MEAVIKNRTDVQCQHRWQKVLNPELNKGPWTKEEDQRVIEHVQKYGPKRWSDIAKHLKGRIGKQCRERWHNHLNPEVKKT
SWTEEEDRIIYQAHKRLGNRWAEIAKLLPGRTDNAVKNHWNSTMRRKV
;
C
3 'polydeoxyribonucleotide'
;(DG)(DA)(DT)(DG)(DT)(DG)(DG)(DC)(DG)(DC)(DA)(DA)(DT)(DC)(DC)(DT)(DT)(DA)(DA)(DC)
(DG)(DG)(DA)(DC)(DT)(DG)
;
D
4 'polydeoxyribonucleotide'
;(DC)(DC)(DA)(DG)(DT)(DC)(DC)(DG)(DT)(DT)(DA)(DA)(DG)(DG)(DA)(DT)(DT)(DG)(DC)(DG)
(DC)(DC)(DA)(DC)(DA)(DT)
;
E
#
loop_
_chem_comp.id
_chem_comp.type
_chem_comp.name
_chem_comp.formula
DA DNA linking 2'-DEOXYADENOSINE-5'-MONOPHOSPHATE 'C10 H14 N5 O6 P'
DC DNA linking 2'-DEOXYCYTIDINE-5'-MONOPHOSPHATE 'C9 H14 N3 O7 P'
DG DNA linking 2'-DEOXYGUANOSINE-5'-MONOPHOSPHATE 'C10 H14 N5 O7 P'
DT DNA linking THYMIDINE-5'-MONOPHOSPHATE 'C10 H15 N2 O8 P'
#
# COMPACT_ATOMS: atom_id res chain seq x y z
N VAL A 9 -31.01 -2.68 16.56
CA VAL A 9 -31.33 -1.46 17.36
C VAL A 9 -32.24 -0.52 16.57
N ASP A 10 -32.76 0.50 17.26
CA ASP A 10 -33.66 1.49 16.67
C ASP A 10 -32.99 2.34 15.59
N LYS A 11 -33.76 2.72 14.57
CA LYS A 11 -33.24 3.55 13.50
C LYS A 11 -33.30 5.03 13.90
N HIS A 12 -33.93 5.30 15.04
CA HIS A 12 -34.05 6.67 15.54
C HIS A 12 -33.05 6.95 16.66
N SER A 13 -32.67 5.91 17.39
CA SER A 13 -31.72 6.05 18.49
C SER A 13 -30.40 6.63 18.00
N ASP A 14 -30.02 7.77 18.58
CA ASP A 14 -28.80 8.46 18.20
C ASP A 14 -27.59 7.52 18.11
N GLU A 15 -27.61 6.44 18.87
CA GLU A 15 -26.53 5.47 18.84
C GLU A 15 -26.37 4.88 17.44
N TYR A 16 -27.47 4.93 16.68
CA TYR A 16 -27.50 4.42 15.31
C TYR A 16 -27.00 5.50 14.36
N LYS A 17 -27.58 6.70 14.47
CA LYS A 17 -27.18 7.81 13.60
C LYS A 17 -25.68 8.03 13.62
N ILE A 18 -25.05 7.75 14.75
CA ILE A 18 -23.61 7.92 14.90
C ILE A 18 -22.86 6.80 14.17
N ARG A 19 -23.29 5.57 14.40
CA ARG A 19 -22.66 4.42 13.77
C ARG A 19 -22.79 4.52 12.25
N ARG A 20 -23.90 5.11 11.79
CA ARG A 20 -24.12 5.26 10.37
C ARG A 20 -23.27 6.38 9.80
N GLU A 21 -23.08 7.43 10.60
CA GLU A 21 -22.28 8.56 10.17
C GLU A 21 -20.84 8.10 9.94
N ARG A 22 -20.34 7.25 10.81
CA ARG A 22 -18.98 6.78 10.64
C ARG A 22 -18.81 5.95 9.37
N ASN A 23 -19.73 5.01 9.13
CA ASN A 23 -19.64 4.19 7.93
C ASN A 23 -19.75 5.05 6.70
N ASN A 24 -20.63 6.05 6.75
CA ASN A 24 -20.78 6.91 5.59
C ASN A 24 -19.51 7.70 5.30
N ILE A 25 -18.72 7.97 6.33
CA ILE A 25 -17.47 8.69 6.09
C ILE A 25 -16.50 7.71 5.42
N ALA A 26 -16.37 6.53 6.01
CA ALA A 26 -15.49 5.51 5.48
C ALA A 26 -15.87 5.17 4.01
N VAL A 27 -17.18 5.07 3.73
CA VAL A 27 -17.61 4.77 2.38
C VAL A 27 -17.22 5.88 1.40
N ARG A 28 -17.40 7.14 1.78
CA ARG A 28 -17.03 8.22 0.88
C ARG A 28 -15.51 8.25 0.71
N LYS A 29 -14.80 7.93 1.76
CA LYS A 29 -13.35 7.90 1.68
C LYS A 29 -12.96 6.77 0.70
N SER A 30 -13.39 5.55 1.01
CA SER A 30 -13.06 4.41 0.16
C SER A 30 -13.40 4.64 -1.32
N ARG A 31 -14.56 5.21 -1.61
CA ARG A 31 -14.91 5.47 -3.00
C ARG A 31 -14.05 6.59 -3.60
N ASP A 32 -13.50 7.45 -2.74
CA ASP A 32 -12.66 8.51 -3.27
C ASP A 32 -11.27 7.95 -3.55
N LYS A 33 -10.81 7.07 -2.68
CA LYS A 33 -9.52 6.43 -2.86
C LYS A 33 -9.57 5.71 -4.20
N ALA A 34 -10.62 4.92 -4.43
CA ALA A 34 -10.76 4.17 -5.67
C ALA A 34 -10.80 5.08 -6.89
N LYS A 35 -11.40 6.26 -6.75
CA LYS A 35 -11.49 7.16 -7.89
C LYS A 35 -10.12 7.77 -8.23
N MET A 36 -9.28 7.93 -7.22
CA MET A 36 -7.96 8.48 -7.43
C MET A 36 -7.11 7.40 -8.10
N ARG A 37 -7.16 6.20 -7.53
CA ARG A 37 -6.43 5.06 -8.04
C ARG A 37 -6.71 4.92 -9.54
N ASN A 38 -7.95 5.09 -9.95
CA ASN A 38 -8.26 4.98 -11.37
C ASN A 38 -7.63 6.11 -12.19
N LEU A 39 -7.65 7.34 -11.68
CA LEU A 39 -7.06 8.47 -12.40
C LEU A 39 -5.56 8.26 -12.56
N GLU A 40 -4.95 7.75 -11.51
CA GLU A 40 -3.53 7.45 -11.49
C GLU A 40 -3.24 6.43 -12.58
N THR A 41 -3.95 5.32 -12.53
CA THR A 41 -3.78 4.27 -13.53
C THR A 41 -3.78 4.85 -14.93
N GLN A 42 -4.69 5.78 -15.23
CA GLN A 42 -4.74 6.38 -16.56
C GLN A 42 -3.51 7.26 -16.82
N HIS A 43 -3.02 7.91 -15.78
CA HIS A 43 -1.86 8.78 -15.90
C HIS A 43 -0.66 7.89 -16.16
N LYS A 44 -0.60 6.78 -15.44
CA LYS A 44 0.47 5.81 -15.56
C LYS A 44 0.56 5.31 -17.01
N VAL A 45 -0.57 5.25 -17.70
CA VAL A 45 -0.58 4.80 -19.08
C VAL A 45 0.01 5.88 -19.99
N LEU A 46 -0.23 7.15 -19.66
CA LEU A 46 0.32 8.23 -20.46
C LEU A 46 1.86 8.22 -20.36
N GLU A 47 2.38 7.98 -19.16
CA GLU A 47 3.82 7.96 -18.95
C GLU A 47 4.50 6.74 -19.55
N LEU A 48 3.88 5.57 -19.43
CA LEU A 48 4.48 4.37 -20.00
C LEU A 48 4.53 4.53 -21.51
N THR A 49 3.50 5.17 -22.06
CA THR A 49 3.40 5.40 -23.49
C THR A 49 4.49 6.34 -24.02
N ALA A 50 4.86 7.34 -23.23
CA ALA A 50 5.88 8.27 -23.67
C ALA A 50 7.22 7.55 -23.58
N GLU A 51 7.46 6.88 -22.45
CA GLU A 51 8.68 6.14 -22.27
C GLU A 51 8.79 5.08 -23.36
N ASN A 52 7.64 4.63 -23.84
CA ASN A 52 7.59 3.62 -24.88
C ASN A 52 7.99 4.21 -26.23
N GLU A 53 7.46 5.38 -26.56
CA GLU A 53 7.82 5.98 -27.83
C GLU A 53 9.28 6.41 -27.83
N ARG A 54 9.80 6.75 -26.65
CA ARG A 54 11.19 7.16 -26.52
C ARG A 54 12.12 5.98 -26.74
N LEU A 55 11.82 4.86 -26.11
CA LEU A 55 12.64 3.68 -26.23
C LEU A 55 12.66 3.13 -27.66
N GLN A 56 11.52 3.21 -28.34
CA GLN A 56 11.42 2.73 -29.71
C GLN A 56 12.26 3.62 -30.63
N LYS A 57 12.30 4.90 -30.32
CA LYS A 57 13.04 5.87 -31.11
C LYS A 57 14.53 5.61 -30.91
N LYS A 58 14.88 5.26 -29.69
CA LYS A 58 16.25 4.94 -29.37
C LYS A 58 16.68 3.66 -30.11
N VAL A 59 15.79 2.66 -30.19
CA VAL A 59 16.14 1.42 -30.87
C VAL A 59 16.40 1.73 -32.34
N GLU A 60 15.54 2.55 -32.92
CA GLU A 60 15.75 2.88 -34.31
C GLU A 60 17.06 3.63 -34.52
N GLN A 61 17.42 4.50 -33.59
CA GLN A 61 18.65 5.27 -33.72
C GLN A 61 19.89 4.37 -33.65
N LEU A 62 19.92 3.46 -32.69
CA LEU A 62 21.04 2.56 -32.57
C LEU A 62 21.15 1.65 -33.80
N SER A 63 20.00 1.25 -34.36
CA SER A 63 20.01 0.37 -35.53
C SER A 63 20.52 1.12 -36.73
N ARG A 64 20.10 2.37 -36.87
CA ARG A 64 20.54 3.16 -38.01
C ARG A 64 22.07 3.31 -37.91
N GLU A 65 22.56 3.48 -36.70
CA GLU A 65 24.00 3.62 -36.46
C GLU A 65 24.77 2.36 -36.80
N LEU A 66 24.28 1.21 -36.34
CA LEU A 66 24.94 -0.06 -36.64
C LEU A 66 25.01 -0.25 -38.16
N SER A 67 23.94 0.12 -38.84
CA SER A 67 23.90 -0.04 -40.27
C SER A 67 24.90 0.89 -40.99
N THR A 68 25.04 2.10 -40.47
CA THR A 68 25.97 3.04 -41.06
C THR A 68 27.36 2.43 -40.96
N LEU A 69 27.70 1.93 -39.78
CA LEU A 69 29.00 1.32 -39.60
C LEU A 69 29.23 0.16 -40.56
N ARG A 70 28.36 -0.85 -40.51
CA ARG A 70 28.55 -2.00 -41.39
C ARG A 70 28.61 -1.67 -42.88
N ASN A 71 28.23 -0.46 -43.26
CA ASN A 71 28.28 -0.09 -44.67
C ASN A 71 29.72 0.11 -45.15
N LEU A 72 30.64 0.18 -44.19
CA LEU A 72 32.05 0.36 -44.50
C LEU A 72 32.69 -0.97 -44.90
N PHE A 73 31.93 -2.07 -44.79
CA PHE A 73 32.44 -3.38 -45.15
C PHE A 73 32.13 -3.68 -46.59
N LYS A 74 31.36 -2.80 -47.23
CA LYS A 74 31.02 -3.03 -48.63
C LYS A 74 32.08 -2.45 -49.54
N GLN A 75 32.50 -3.25 -50.52
CA GLN A 75 33.54 -2.83 -51.45
C GLN A 75 33.20 -3.02 -52.93
N LEU A 76 34.12 -2.60 -53.79
CA LEU A 76 33.95 -2.70 -55.24
C LEU A 76 35.32 -2.65 -55.92
N ASP B 10 -45.88 7.97 -4.17
CA ASP B 10 -46.30 6.54 -4.09
C ASP B 10 -45.07 5.64 -4.13
N LYS B 11 -44.70 5.08 -2.98
CA LYS B 11 -43.54 4.21 -2.88
C LYS B 11 -43.87 2.74 -2.69
N HIS B 12 -45.11 2.33 -2.96
CA HIS B 12 -45.47 0.92 -2.78
C HIS B 12 -46.24 0.28 -3.91
N SER B 13 -46.74 1.09 -4.84
CA SER B 13 -47.51 0.55 -5.95
C SER B 13 -46.63 -0.36 -6.81
N ASP B 14 -47.19 -0.85 -7.90
CA ASP B 14 -46.44 -1.70 -8.80
C ASP B 14 -45.79 -0.83 -9.85
N GLU B 15 -46.44 0.29 -10.15
CA GLU B 15 -45.91 1.23 -11.13
C GLU B 15 -44.53 1.66 -10.60
N TYR B 16 -44.46 1.95 -9.30
CA TYR B 16 -43.22 2.36 -8.65
C TYR B 16 -42.18 1.26 -8.63
N LYS B 17 -42.59 0.04 -8.28
CA LYS B 17 -41.65 -1.08 -8.23
C LYS B 17 -41.01 -1.32 -9.59
N ILE B 18 -41.81 -1.16 -10.64
CA ILE B 18 -41.35 -1.36 -12.02
C ILE B 18 -40.43 -0.24 -12.48
N ARG B 19 -40.75 0.98 -12.09
CA ARG B 19 -39.91 2.11 -12.48
C ARG B 19 -38.53 1.95 -11.84
N ARG B 20 -38.51 1.57 -10.57
CA ARG B 20 -37.26 1.38 -9.85
C ARG B 20 -36.43 0.27 -10.52
N GLU B 21 -37.04 -0.90 -10.74
CA GLU B 21 -36.33 -2.03 -11.36
C GLU B 21 -35.65 -1.61 -12.66
N ARG B 22 -36.37 -0.84 -13.46
CA ARG B 22 -35.83 -0.36 -14.72
C ARG B 22 -34.58 0.53 -14.57
N ASN B 23 -34.55 1.39 -13.55
CA ASN B 23 -33.38 2.24 -13.35
C ASN B 23 -32.28 1.39 -12.71
N ASN B 24 -32.67 0.41 -11.92
CA ASN B 24 -31.67 -0.43 -11.29
C ASN B 24 -30.89 -1.24 -12.33
N ILE B 25 -31.53 -1.54 -13.45
CA ILE B 25 -30.88 -2.29 -14.52
C ILE B 25 -29.99 -1.34 -15.30
N ALA B 26 -30.50 -0.14 -15.56
CA ALA B 26 -29.71 0.86 -16.27
C ALA B 26 -28.46 1.19 -15.47
N VAL B 27 -28.56 1.18 -14.14
CA VAL B 27 -27.40 1.47 -13.32
C VAL B 27 -26.36 0.35 -13.37
N ARG B 28 -26.79 -0.89 -13.22
CA ARG B 28 -25.85 -2.00 -13.27
C ARG B 28 -25.14 -2.01 -14.62
N LYS B 29 -25.90 -1.69 -15.67
CA LYS B 29 -25.38 -1.64 -17.02
C LYS B 29 -24.39 -0.50 -17.16
N SER B 30 -24.75 0.67 -16.63
CA SER B 30 -23.87 1.83 -16.72
C SER B 30 -22.58 1.57 -15.96
N ARG B 31 -22.67 0.88 -14.82
CA ARG B 31 -21.48 0.58 -14.05
C ARG B 31 -20.64 -0.57 -14.58
N ASP B 32 -21.23 -1.46 -15.38
CA ASP B 32 -20.43 -2.54 -15.95
C ASP B 32 -19.52 -1.90 -17.00
N LYS B 33 -20.05 -0.93 -17.75
CA LYS B 33 -19.27 -0.25 -18.76
C LYS B 33 -18.08 0.42 -18.10
N ALA B 34 -18.34 1.21 -17.07
CA ALA B 34 -17.27 1.92 -16.38
C ALA B 34 -16.22 0.99 -15.80
N LYS B 35 -16.65 -0.11 -15.18
CA LYS B 35 -15.67 -1.01 -14.60
C LYS B 35 -14.83 -1.69 -15.70
N MET B 36 -15.43 -1.86 -16.87
CA MET B 36 -14.74 -2.49 -17.98
C MET B 36 -13.63 -1.56 -18.46
N ARG B 37 -13.99 -0.30 -18.69
CA ARG B 37 -13.03 0.68 -19.14
C ARG B 37 -11.84 0.68 -18.20
N ASN B 38 -12.09 0.47 -16.92
CA ASN B 38 -11.00 0.48 -15.97
C ASN B 38 -10.20 -0.81 -16.00
N LEU B 39 -10.84 -1.92 -16.34
CA LEU B 39 -10.12 -3.18 -16.39
C LEU B 39 -9.13 -3.16 -17.54
N GLU B 40 -9.57 -2.71 -18.73
CA GLU B 40 -8.66 -2.69 -19.87
C GLU B 40 -7.56 -1.66 -19.64
N THR B 41 -7.88 -0.60 -18.90
CA THR B 41 -6.87 0.41 -18.62
C THR B 41 -5.80 -0.21 -17.73
N GLN B 42 -6.17 -1.15 -16.87
CA GLN B 42 -5.16 -1.79 -16.02
C GLN B 42 -4.36 -2.80 -16.84
N HIS B 43 -4.99 -3.40 -17.83
CA HIS B 43 -4.30 -4.37 -18.67
C HIS B 43 -3.29 -3.63 -19.54
N LYS B 44 -3.67 -2.44 -19.98
CA LYS B 44 -2.81 -1.61 -20.81
C LYS B 44 -1.51 -1.40 -20.04
N VAL B 45 -1.62 -1.12 -18.75
CA VAL B 45 -0.43 -0.93 -17.93
C VAL B 45 0.43 -2.18 -17.91
N LEU B 46 -0.18 -3.34 -17.75
CA LEU B 46 0.61 -4.57 -17.74
C LEU B 46 1.28 -4.78 -19.09
N GLU B 47 0.58 -4.43 -20.16
CA GLU B 47 1.10 -4.55 -21.51
C GLU B 47 2.31 -3.62 -21.74
N LEU B 48 2.10 -2.31 -21.56
CA LEU B 48 3.14 -1.32 -21.74
C LEU B 48 4.35 -1.62 -20.87
N THR B 49 4.10 -2.06 -19.65
CA THR B 49 5.18 -2.37 -18.73
C THR B 49 6.01 -3.55 -19.25
N ALA B 50 5.37 -4.44 -20.01
CA ALA B 50 6.08 -5.59 -20.54
C ALA B 50 6.86 -5.14 -21.78
N GLU B 51 6.21 -4.38 -22.65
CA GLU B 51 6.83 -3.86 -23.85
C GLU B 51 8.04 -2.95 -23.51
N ASN B 52 7.94 -2.18 -22.44
CA ASN B 52 9.05 -1.32 -22.07
C ASN B 52 10.23 -2.09 -21.51
N GLU B 53 9.96 -3.17 -20.78
CA GLU B 53 11.05 -3.96 -20.23
C GLU B 53 11.78 -4.61 -21.40
N ARG B 54 11.04 -5.00 -22.43
CA ARG B 54 11.65 -5.63 -23.58
C ARG B 54 12.43 -4.58 -24.39
N LEU B 55 11.82 -3.42 -24.64
CA LEU B 55 12.50 -2.40 -25.42
C LEU B 55 13.78 -1.97 -24.72
N GLN B 56 13.77 -1.94 -23.40
CA GLN B 56 14.97 -1.53 -22.67
C GLN B 56 16.05 -2.59 -22.79
N LYS B 57 15.67 -3.86 -22.91
CA LYS B 57 16.66 -4.93 -23.06
C LYS B 57 17.33 -4.80 -24.42
N LYS B 58 16.49 -4.53 -25.41
CA LYS B 58 16.95 -4.36 -26.76
C LYS B 58 17.93 -3.16 -26.86
N VAL B 59 17.58 -2.05 -26.23
CA VAL B 59 18.44 -0.87 -26.24
C VAL B 59 19.79 -1.23 -25.66
N GLU B 60 19.79 -1.94 -24.54
CA GLU B 60 21.04 -2.33 -23.92
C GLU B 60 21.84 -3.31 -24.81
N GLN B 61 21.14 -4.20 -25.52
CA GLN B 61 21.78 -5.19 -26.38
C GLN B 61 22.42 -4.51 -27.59
N LEU B 62 21.66 -3.67 -28.25
CA LEU B 62 22.16 -2.94 -29.39
C LEU B 62 23.26 -1.95 -28.98
N SER B 63 23.26 -1.47 -27.74
CA SER B 63 24.32 -0.54 -27.34
C SER B 63 25.60 -1.32 -27.19
N ARG B 64 25.50 -2.53 -26.63
CA ARG B 64 26.68 -3.37 -26.47
C ARG B 64 27.22 -3.73 -27.86
N GLU B 65 26.32 -3.98 -28.80
CA GLU B 65 26.74 -4.38 -30.15
C GLU B 65 27.48 -3.23 -30.82
N LEU B 66 26.89 -2.03 -30.76
CA LEU B 66 27.48 -0.85 -31.37
C LEU B 66 28.86 -0.57 -30.76
N SER B 67 28.97 -0.75 -29.46
CA SER B 67 30.21 -0.52 -28.76
C SER B 67 31.28 -1.50 -29.23
N THR B 68 30.94 -2.79 -29.26
CA THR B 68 31.88 -3.79 -29.72
C THR B 68 32.32 -3.51 -31.15
N LEU B 69 31.37 -3.19 -32.02
CA LEU B 69 31.73 -2.91 -33.39
C LEU B 69 32.62 -1.65 -33.52
N ARG B 70 32.28 -0.60 -32.79
CA ARG B 70 33.09 0.62 -32.86
C ARG B 70 34.52 0.31 -32.43
N ASN B 71 34.66 -0.57 -31.44
CA ASN B 71 35.98 -0.94 -30.97
C ASN B 71 36.73 -1.75 -32.02
N LEU B 72 36.01 -2.33 -32.99
CA LEU B 72 36.69 -3.08 -34.03
C LEU B 72 37.31 -2.13 -35.04
N PHE B 73 36.55 -1.10 -35.41
CA PHE B 73 37.03 -0.12 -36.36
C PHE B 73 38.16 0.74 -35.79
N LYS B 74 38.20 0.85 -34.46
CA LYS B 74 39.26 1.63 -33.82
C LYS B 74 40.58 0.86 -33.80
N GLN B 75 40.50 -0.45 -33.65
CA GLN B 75 41.70 -1.29 -33.64
C GLN B 75 42.17 -1.54 -35.07
N LEU B 76 41.52 -0.88 -36.02
CA LEU B 76 41.84 -1.04 -37.44
C LEU B 76 42.99 -0.11 -37.87
N ASN C 22 -12.76 -7.31 36.59
CA ASN C 22 -14.14 -7.37 37.15
C ASN C 22 -14.70 -5.95 37.09
N PRO C 23 -15.55 -5.53 38.06
CA PRO C 23 -16.04 -4.16 37.90
C PRO C 23 -15.04 -3.03 38.20
N GLU C 24 -13.85 -3.38 38.67
CA GLU C 24 -12.84 -2.37 38.99
C GLU C 24 -11.69 -2.35 37.97
N LEU C 25 -12.02 -2.59 36.71
CA LEU C 25 -11.02 -2.60 35.64
C LEU C 25 -11.51 -1.86 34.39
N ASN C 26 -10.67 -0.95 33.88
CA ASN C 26 -10.99 -0.20 32.68
C ASN C 26 -10.56 -1.02 31.48
N LYS C 27 -11.51 -1.38 30.64
CA LYS C 27 -11.20 -2.17 29.45
C LYS C 27 -11.78 -1.49 28.23
N GLY C 28 -11.88 -0.17 28.30
CA GLY C 28 -12.41 0.61 27.20
C GLY C 28 -11.29 1.33 26.44
N PRO C 29 -11.53 2.57 26.01
CA PRO C 29 -10.54 3.34 25.26
C PRO C 29 -9.61 4.15 26.16
N TRP C 30 -8.54 4.68 25.58
CA TRP C 30 -7.58 5.50 26.30
C TRP C 30 -7.75 6.97 25.92
N THR C 31 -7.97 7.81 26.91
CA THR C 31 -8.14 9.24 26.68
C THR C 31 -6.79 9.90 26.47
N LYS C 32 -6.78 10.97 25.69
CA LYS C 32 -5.55 11.71 25.43
C LYS C 32 -4.96 12.11 26.78
N GLU C 33 -5.84 12.20 27.77
CA GLU C 33 -5.43 12.57 29.11
C GLU C 33 -4.61 11.45 29.74
N GLU C 34 -5.18 10.25 29.76
CA GLU C 34 -4.50 9.09 30.34
C GLU C 34 -3.12 8.88 29.73
N ASP C 35 -3.06 8.95 28.40
CA ASP C 35 -1.80 8.77 27.69
C ASP C 35 -0.74 9.75 28.19
N GLN C 36 -1.08 11.03 28.17
CA GLN C 36 -0.16 12.07 28.62
C GLN C 36 0.39 11.81 30.02
N ARG C 37 -0.47 11.32 30.92
CA ARG C 37 -0.02 11.01 32.27
C ARG C 37 1.07 9.94 32.18
N VAL C 38 0.80 8.90 31.40
CA VAL C 38 1.74 7.79 31.22
C VAL C 38 3.06 8.28 30.61
N ILE C 39 2.95 9.11 29.57
CA ILE C 39 4.13 9.65 28.91
C ILE C 39 4.99 10.38 29.93
N GLU C 40 4.39 11.29 30.68
CA GLU C 40 5.11 12.05 31.69
C GLU C 40 5.79 11.07 32.65
N HIS C 41 5.03 10.08 33.11
CA HIS C 41 5.56 9.08 34.03
C HIS C 41 6.84 8.42 33.52
N VAL C 42 6.86 8.10 32.22
CA VAL C 42 8.02 7.45 31.63
C VAL C 42 9.21 8.40 31.56
N GLN C 43 8.95 9.69 31.46
CA GLN C 43 10.02 10.68 31.39
C GLN C 43 10.49 10.97 32.82
N LYS C 44 9.60 10.75 33.77
CA LYS C 44 9.90 10.98 35.18
C LYS C 44 10.82 9.88 35.73
N TYR C 45 10.29 8.66 35.80
CA TYR C 45 11.05 7.53 36.31
C TYR C 45 11.61 6.64 35.20
N GLY C 46 10.85 6.52 34.11
CA GLY C 46 11.26 5.69 33.00
C GLY C 46 10.26 4.59 32.75
N PRO C 47 10.52 3.68 31.80
CA PRO C 47 9.61 2.58 31.50
C PRO C 47 9.61 1.51 32.59
N LYS C 48 9.40 1.94 33.83
CA LYS C 48 9.39 1.03 34.97
C LYS C 48 8.32 1.45 35.97
N ARG C 49 8.22 0.70 37.06
CA ARG C 49 7.26 0.99 38.12
C ARG C 49 5.89 1.34 37.54
N TRP C 50 5.49 0.59 36.52
CA TRP C 50 4.21 0.81 35.85
C TRP C 50 3.04 0.85 36.82
N SER C 51 3.25 0.36 38.03
CA SER C 51 2.18 0.37 39.02
C SER C 51 1.87 1.80 39.43
N ASP C 52 2.86 2.46 40.02
CA ASP C 52 2.72 3.84 40.48
C ASP C 52 1.78 4.71 39.65
N ILE C 53 2.14 4.97 38.40
CA ILE C 53 1.33 5.81 37.53
C ILE C 53 -0.08 5.24 37.39
N ALA C 54 -0.19 3.91 37.32
CA ALA C 54 -1.49 3.26 37.18
C ALA C 54 -2.40 3.59 38.35
N LYS C 55 -1.80 3.78 39.52
CA LYS C 55 -2.56 4.12 40.72
C LYS C 55 -3.29 5.45 40.56
N HIS C 56 -2.57 6.47 40.12
CA HIS C 56 -3.17 7.78 39.92
C HIS C 56 -4.35 7.61 38.97
N LEU C 57 -4.18 6.75 37.98
CA LEU C 57 -5.23 6.48 37.01
C LEU C 57 -6.33 5.70 37.70
N LYS C 58 -7.55 5.82 37.18
CA LYS C 58 -8.69 5.14 37.77
C LYS C 58 -9.12 3.90 37.01
N GLY C 59 -9.12 2.76 37.68
CA GLY C 59 -9.53 1.51 37.06
C GLY C 59 -8.53 0.86 36.13
N ARG C 60 -7.26 1.25 36.20
CA ARG C 60 -6.24 0.67 35.35
C ARG C 60 -5.01 0.26 36.15
N ILE C 61 -4.45 -0.90 35.80
CA ILE C 61 -3.27 -1.42 36.49
C ILE C 61 -2.02 -1.20 35.64
N GLY C 62 -0.86 -1.32 36.28
CA GLY C 62 0.40 -1.12 35.60
C GLY C 62 0.58 -1.85 34.28
N LYS C 63 0.30 -3.16 34.28
CA LYS C 63 0.44 -3.97 33.08
C LYS C 63 -0.18 -3.29 31.86
N GLN C 64 -1.36 -2.72 32.04
CA GLN C 64 -2.03 -2.03 30.95
C GLN C 64 -1.22 -0.82 30.52
N CYS C 65 -0.84 0.02 31.48
CA CYS C 65 -0.06 1.20 31.20
C CYS C 65 1.21 0.83 30.44
N ARG C 66 1.82 -0.27 30.83
CA ARG C 66 3.04 -0.73 30.18
C ARG C 66 2.74 -1.07 28.72
N GLU C 67 1.69 -1.83 28.49
CA GLU C 67 1.32 -2.23 27.14
C GLU C 67 1.00 -1.02 26.28
N ARG C 68 0.11 -0.17 26.78
CA ARG C 68 -0.27 1.05 26.06
C ARG C 68 0.98 1.84 25.66
N TRP C 69 1.94 1.90 26.56
CA TRP C 69 3.17 2.63 26.26
C TRP C 69 3.97 1.94 25.17
N HIS C 70 4.42 0.71 25.45
CA HIS C 70 5.23 -0.03 24.49
C HIS C 70 4.67 -0.16 23.09
N ASN C 71 3.35 -0.23 22.95
CA ASN C 71 2.75 -0.38 21.63
C ASN C 71 2.33 0.93 20.97
N HIS C 72 1.86 1.89 21.76
CA HIS C 72 1.39 3.14 21.16
C HIS C 72 2.06 4.46 21.61
N LEU C 73 2.24 4.63 22.91
CA LEU C 73 2.81 5.88 23.41
C LEU C 73 4.32 6.08 23.28
N ASN C 74 5.06 5.03 22.97
CA ASN C 74 6.51 5.19 22.84
C ASN C 74 6.84 6.02 21.60
N PRO C 75 7.87 6.87 21.68
CA PRO C 75 8.27 7.71 20.54
C PRO C 75 8.98 6.93 19.43
N GLU C 76 9.80 5.96 19.83
CA GLU C 76 10.55 5.15 18.87
C GLU C 76 9.70 4.20 18.05
N VAL C 77 8.49 3.91 18.50
CA VAL C 77 7.63 3.01 17.74
C VAL C 77 7.20 3.68 16.45
N LYS C 78 7.72 3.18 15.33
CA LYS C 78 7.38 3.74 14.04
C LYS C 78 5.90 3.48 13.76
N LYS C 79 5.26 4.39 13.04
CA LYS C 79 3.85 4.25 12.71
C LYS C 79 3.65 4.32 11.20
N THR C 80 4.69 3.97 10.46
CA THR C 80 4.67 3.99 9.00
C THR C 80 4.09 2.68 8.47
N SER C 81 3.82 2.64 7.17
CA SER C 81 3.28 1.45 6.53
C SER C 81 4.42 0.43 6.42
N TRP C 82 4.07 -0.84 6.33
CA TRP C 82 5.08 -1.88 6.22
C TRP C 82 5.75 -1.86 4.85
N THR C 83 7.05 -1.59 4.85
CA THR C 83 7.83 -1.53 3.62
C THR C 83 8.02 -2.92 3.02
N GLU C 84 8.28 -2.94 1.72
CA GLU C 84 8.50 -4.20 1.00
C GLU C 84 9.67 -4.96 1.61
N GLU C 85 10.73 -4.24 1.96
CA GLU C 85 11.92 -4.83 2.54
C GLU C 85 11.64 -5.47 3.90
N GLU C 86 10.77 -4.83 4.68
CA GLU C 86 10.42 -5.35 6.00
C GLU C 86 9.75 -6.72 5.91
N ASP C 87 8.91 -6.91 4.90
CA ASP C 87 8.22 -8.19 4.72
C ASP C 87 9.24 -9.31 4.53
N ARG C 88 10.19 -9.10 3.62
CA ARG C 88 11.23 -10.08 3.34
C ARG C 88 11.81 -10.61 4.65
N ILE C 89 12.37 -9.69 5.43
CA ILE C 89 12.97 -10.03 6.71
C ILE C 89 12.06 -10.90 7.55
N ILE C 90 10.77 -10.53 7.61
CA ILE C 90 9.81 -11.29 8.39
C ILE C 90 9.64 -12.70 7.85
N TYR C 91 9.53 -12.84 6.53
CA TYR C 91 9.40 -14.16 5.93
C TYR C 91 10.64 -14.98 6.23
N GLN C 92 11.79 -14.45 5.82
CA GLN C 92 13.06 -15.11 6.05
C GLN C 92 13.16 -15.54 7.52
N ALA C 93 13.00 -14.58 8.42
CA ALA C 93 13.08 -14.83 9.84
C ALA C 93 12.03 -15.81 10.34
N HIS C 94 10.76 -15.58 10.00
CA HIS C 94 9.71 -16.48 10.46
C HIS C 94 9.85 -17.91 10.00
N LYS C 95 10.31 -18.11 8.77
CA LYS C 95 10.48 -19.46 8.25
C LYS C 95 11.83 -19.99 8.72
N ARG C 96 12.15 -19.71 9.98
CA ARG C 96 13.39 -20.14 10.59
C ARG C 96 13.25 -20.19 12.10
N LEU C 97 12.48 -19.24 12.64
CA LEU C 97 12.26 -19.16 14.09
C LEU C 97 10.82 -19.45 14.46
N GLY C 98 9.91 -19.22 13.52
CA GLY C 98 8.50 -19.46 13.80
C GLY C 98 7.92 -18.24 14.47
N ASN C 99 6.86 -18.45 15.26
CA ASN C 99 6.19 -17.36 15.96
C ASN C 99 7.00 -16.72 17.09
N ARG C 100 8.29 -16.51 16.86
CA ARG C 100 9.14 -15.86 17.86
C ARG C 100 9.07 -14.36 17.57
N TRP C 101 7.95 -13.76 17.91
CA TRP C 101 7.74 -12.33 17.64
C TRP C 101 8.79 -11.40 18.27
N ALA C 102 8.92 -11.43 19.59
CA ALA C 102 9.89 -10.56 20.25
C ALA C 102 11.27 -10.71 19.61
N GLU C 103 11.57 -11.91 19.15
CA GLU C 103 12.87 -12.17 18.53
C GLU C 103 12.97 -11.49 17.17
N ILE C 104 11.98 -11.71 16.31
CA ILE C 104 11.96 -11.11 14.99
C ILE C 104 11.91 -9.59 15.09
N ALA C 105 11.29 -9.07 16.14
CA ALA C 105 11.17 -7.63 16.36
C ALA C 105 12.54 -6.99 16.55
N LYS C 106 13.53 -7.81 16.90
CA LYS C 106 14.89 -7.32 17.10
C LYS C 106 15.56 -7.08 15.75
N LEU C 107 14.96 -7.62 14.69
CA LEU C 107 15.49 -7.47 13.34
C LEU C 107 14.71 -6.39 12.61
N LEU C 108 13.70 -5.85 13.28
CA LEU C 108 12.85 -4.81 12.68
C LEU C 108 12.84 -3.55 13.56
N PRO C 109 13.83 -2.66 13.37
CA PRO C 109 13.91 -1.42 14.14
C PRO C 109 12.67 -0.56 13.98
N GLY C 110 12.09 -0.13 15.09
CA GLY C 110 10.90 0.70 15.04
C GLY C 110 9.61 -0.08 15.13
N ARG C 111 9.70 -1.39 14.96
CA ARG C 111 8.51 -2.24 15.02
C ARG C 111 8.46 -2.98 16.35
N THR C 112 7.26 -3.19 16.86
CA THR C 112 7.09 -3.89 18.13
C THR C 112 6.75 -5.36 17.87
N ASP C 113 6.92 -6.19 18.89
CA ASP C 113 6.63 -7.62 18.75
C ASP C 113 5.19 -7.80 18.31
N ASN C 114 4.29 -7.04 18.94
CA ASN C 114 2.88 -7.12 18.61
C ASN C 114 2.56 -6.69 17.18
N ALA C 115 3.29 -5.69 16.67
CA ALA C 115 3.05 -5.21 15.31
C ALA C 115 3.45 -6.29 14.29
N VAL C 116 4.49 -7.05 14.59
CA VAL C 116 4.93 -8.12 13.70
C VAL C 116 3.87 -9.22 13.71
N LYS C 117 3.44 -9.60 14.91
CA LYS C 117 2.44 -10.64 15.05
C LYS C 117 1.20 -10.27 14.23
N ASN C 118 0.68 -9.06 14.46
CA ASN C 118 -0.51 -8.59 13.75
C ASN C 118 -0.33 -8.57 12.24
N HIS C 119 0.83 -8.11 11.80
CA HIS C 119 1.13 -8.01 10.38
C HIS C 119 1.18 -9.40 9.73
N TRP C 120 1.69 -10.36 10.48
CA TRP C 120 1.81 -11.72 9.97
C TRP C 120 0.47 -12.46 9.95
N ASN C 121 -0.33 -12.30 11.00
CA ASN C 121 -1.61 -12.99 11.06
C ASN C 121 -2.69 -12.44 10.15
N SER C 122 -2.53 -11.20 9.70
CA SER C 122 -3.52 -10.59 8.83
C SER C 122 -3.01 -10.58 7.39
N THR C 123 -2.18 -9.60 7.07
CA THR C 123 -1.61 -9.45 5.73
C THR C 123 -0.83 -10.67 5.26
N MET C 124 0.40 -10.81 5.75
CA MET C 124 1.29 -11.90 5.37
C MET C 124 0.70 -13.31 5.47
N ARG C 125 -0.33 -13.49 6.28
CA ARG C 125 -0.95 -14.79 6.43
C ARG C 125 -1.54 -15.27 5.11
N ARG C 126 -1.99 -14.31 4.30
CA ARG C 126 -2.59 -14.62 3.02
C ARG C 126 -1.67 -14.18 1.88
#